data_8HE2
#
_entry.id   8HE2
#
_cell.length_a   39.859
_cell.length_b   65.528
_cell.length_c   105.966
_cell.angle_alpha   90.000
_cell.angle_beta   90.000
_cell.angle_gamma   90.000
#
_symmetry.space_group_name_H-M   'P 21 21 21'
#
loop_
_entity.id
_entity.type
_entity.pdbx_description
1 polymer 'Chitin deacetylase'
2 non-polymer 'tert-butyl N-[3-[[4-(oxidanylcarbamoyl)phenyl]methylamino]-3-oxidanylidene-propyl]carbamate'
3 non-polymer 'ZINC ION'
4 water water
#
_entity_poly.entity_id   1
_entity_poly.type   'polypeptide(L)'
_entity_poly.pdbx_seq_one_letter_code
;MGFTRLLTLVVTVASLLRFDQVTGAHTNDIRSLRARQDTAVPVYDTCTVPGSFALTFDDGPYGFSTRLDSTLNAANAKGS
FFINGQNWGCIYDYADVLLERFNNGHFIASHTWSHVHMNQGTYEQLSHQLELVEQAMIRILGVKPLYMRPPYGEYNDVVL
QVLRDRGYKGLIMWNQDSGDTFTPTPSSAQIIDSYRSFPEKTISLNHEIKDFTVDQVIPAVIPILQQKGFSLQTVPECLG
LSSDPADWYVRVQEPGTRDDSWTCEATPLPGNFEHHHHHH
;
_entity_poly.pdbx_strand_id   A
#
loop_
_chem_comp.id
_chem_comp.type
_chem_comp.name
_chem_comp.formula
LMI non-polymer 'tert-butyl N-[3-[[4-(oxidanylcarbamoyl)phenyl]methylamino]-3-oxidanylidene-propyl]carbamate' 'C16 H23 N3 O5'
ZN non-polymer 'ZINC ION' 'Zn 2'
#
# COMPACT_ATOMS: atom_id res chain seq x y z
N VAL A 41 -8.94 14.14 9.45
CA VAL A 41 -8.79 12.72 9.13
C VAL A 41 -7.73 12.11 10.07
N PRO A 42 -8.01 10.93 10.63
CA PRO A 42 -7.05 10.34 11.57
C PRO A 42 -5.76 9.92 10.87
N VAL A 43 -4.65 10.08 11.59
CA VAL A 43 -3.33 9.64 11.15
C VAL A 43 -2.93 8.43 11.98
N TYR A 44 -2.53 7.35 11.32
CA TYR A 44 -2.21 6.08 11.98
C TYR A 44 -0.77 5.70 11.66
N ASP A 45 -0.03 5.24 12.67
CA ASP A 45 1.30 4.68 12.40
C ASP A 45 1.60 3.37 13.13
N THR A 46 0.71 2.89 13.99
CA THR A 46 0.95 1.71 14.82
C THR A 46 -0.34 0.89 14.89
N CYS A 47 -0.21 -0.43 14.75
CA CYS A 47 -1.38 -1.29 14.92
C CYS A 47 -1.84 -1.27 16.37
N THR A 48 -3.11 -1.67 16.59
CA THR A 48 -3.65 -1.81 17.92
C THR A 48 -3.94 -3.25 18.32
N VAL A 49 -4.15 -4.14 17.36
CA VAL A 49 -4.57 -5.52 17.67
C VAL A 49 -3.37 -6.27 18.26
N PRO A 50 -3.50 -6.88 19.45
CA PRO A 50 -2.37 -7.65 19.97
C PRO A 50 -1.96 -8.76 19.01
N GLY A 51 -0.66 -8.90 18.83
CA GLY A 51 -0.12 -9.93 17.96
C GLY A 51 -0.08 -9.59 16.50
N SER A 52 -0.66 -8.46 16.09
CA SER A 52 -0.71 -8.11 14.67
C SER A 52 0.61 -7.52 14.18
N PHE A 53 0.80 -7.56 12.87
CA PHE A 53 2.00 -7.03 12.24
C PHE A 53 1.62 -6.74 10.80
N ALA A 54 1.90 -5.53 10.33
CA ALA A 54 1.49 -5.12 8.98
C ALA A 54 2.71 -4.98 8.07
N LEU A 55 2.83 -5.88 7.10
CA LEU A 55 3.78 -5.70 6.01
C LEU A 55 3.16 -4.77 4.98
N THR A 56 3.77 -3.61 4.74
CA THR A 56 3.20 -2.66 3.79
C THR A 56 4.21 -2.39 2.67
N PHE A 57 3.67 -2.06 1.49
CA PHE A 57 4.47 -1.97 0.27
C PHE A 57 4.06 -0.74 -0.52
N ASP A 58 5.01 0.13 -0.80
CA ASP A 58 4.76 1.37 -1.53
C ASP A 58 5.27 1.31 -2.97
N ASP A 59 4.70 2.18 -3.78
CA ASP A 59 5.18 2.62 -5.09
C ASP A 59 4.81 1.64 -6.20
N GLY A 60 4.09 0.57 -5.89
CA GLY A 60 3.76 -0.43 -6.89
C GLY A 60 2.45 -0.13 -7.61
N PRO A 61 1.94 -1.13 -8.35
CA PRO A 61 2.60 -2.42 -8.56
C PRO A 61 3.82 -2.33 -9.45
N TYR A 62 4.50 -3.46 -9.66
CA TYR A 62 5.76 -3.47 -10.39
C TYR A 62 5.96 -4.87 -10.98
N GLY A 63 7.10 -5.07 -11.62
CA GLY A 63 7.33 -6.30 -12.37
C GLY A 63 7.49 -7.55 -11.53
N PHE A 64 7.64 -7.41 -10.21
CA PHE A 64 7.80 -8.54 -9.32
C PHE A 64 6.55 -8.78 -8.49
N SER A 65 5.45 -8.08 -8.80
CA SER A 65 4.29 -8.06 -7.93
C SER A 65 3.56 -9.41 -7.89
N THR A 66 3.45 -10.11 -9.02
N THR A 66 3.49 -10.13 -9.02
CA THR A 66 2.83 -11.43 -9.01
CA THR A 66 2.86 -11.44 -9.02
C THR A 66 3.63 -12.40 -8.13
C THR A 66 3.62 -12.41 -8.14
N ARG A 67 4.96 -12.32 -8.13
CA ARG A 67 5.75 -13.14 -7.23
C ARG A 67 5.48 -12.78 -5.78
N LEU A 68 5.50 -11.48 -5.47
CA LEU A 68 5.27 -11.03 -4.11
C LEU A 68 3.92 -11.54 -3.60
N ASP A 69 2.87 -11.38 -4.41
CA ASP A 69 1.56 -11.80 -3.95
C ASP A 69 1.46 -13.32 -3.84
N SER A 70 2.13 -14.06 -4.72
CA SER A 70 2.15 -15.50 -4.58
C SER A 70 2.80 -15.93 -3.27
N THR A 71 3.92 -15.30 -2.91
CA THR A 71 4.59 -15.56 -1.64
C THR A 71 3.68 -15.25 -0.46
N LEU A 72 3.02 -14.09 -0.48
CA LEU A 72 2.11 -13.75 0.60
C LEU A 72 0.94 -14.74 0.66
N ASN A 73 0.34 -15.04 -0.49
CA ASN A 73 -0.85 -15.88 -0.51
C ASN A 73 -0.53 -17.31 -0.05
N ALA A 74 0.66 -17.80 -0.39
CA ALA A 74 1.03 -19.16 0.03
C ALA A 74 1.08 -19.29 1.55
N ALA A 75 1.33 -18.18 2.26
CA ALA A 75 1.37 -18.18 3.72
C ALA A 75 0.11 -17.62 4.34
N ASN A 76 -0.92 -17.32 3.53
CA ASN A 76 -2.13 -16.64 4.00
C ASN A 76 -1.80 -15.32 4.69
N ALA A 77 -0.71 -14.68 4.26
CA ALA A 77 -0.31 -13.39 4.77
C ALA A 77 -0.96 -12.30 3.94
N LYS A 78 -1.36 -11.20 4.59
CA LYS A 78 -2.05 -10.12 3.91
C LYS A 78 -1.17 -8.88 3.88
N GLY A 79 -1.06 -8.27 2.70
CA GLY A 79 -0.23 -7.10 2.53
C GLY A 79 -1.07 -5.84 2.40
N SER A 80 -0.46 -4.70 2.64
CA SER A 80 -1.07 -3.41 2.44
C SER A 80 -0.27 -2.69 1.37
N PHE A 81 -0.94 -2.25 0.31
CA PHE A 81 -0.28 -1.77 -0.90
C PHE A 81 -0.71 -0.34 -1.18
N PHE A 82 0.24 0.58 -1.15
CA PHE A 82 -0.02 2.00 -1.41
C PHE A 82 0.51 2.31 -2.79
N ILE A 83 -0.40 2.33 -3.77
CA ILE A 83 -0.05 2.27 -5.20
C ILE A 83 0.00 3.67 -5.80
N ASN A 84 0.80 3.78 -6.86
CA ASN A 84 0.84 4.99 -7.67
C ASN A 84 0.12 4.78 -8.99
N GLY A 85 -0.22 5.90 -9.64
CA GLY A 85 -0.83 5.85 -10.95
C GLY A 85 0.18 5.83 -12.09
N GLN A 86 1.08 6.80 -12.09
CA GLN A 86 2.15 6.85 -13.08
C GLN A 86 3.44 7.17 -12.31
N ASN A 87 4.17 6.12 -12.00
CA ASN A 87 5.40 6.13 -11.22
C ASN A 87 5.82 4.66 -11.17
N TRP A 88 6.94 4.33 -11.77
CA TRP A 88 7.36 2.94 -11.91
C TRP A 88 6.30 2.13 -12.65
N GLY A 89 5.82 2.68 -13.75
CA GLY A 89 4.82 2.00 -14.54
C GLY A 89 3.44 2.64 -14.39
N CYS A 90 2.59 2.36 -15.37
CA CYS A 90 1.24 2.89 -15.43
C CYS A 90 0.27 1.90 -14.77
N ILE A 91 -0.57 2.41 -13.85
CA ILE A 91 -1.46 1.54 -13.08
C ILE A 91 -2.31 0.65 -14.00
N TYR A 92 -2.71 1.17 -15.16
CA TYR A 92 -3.57 0.38 -16.04
C TYR A 92 -2.85 -0.82 -16.64
N ASP A 93 -1.52 -0.75 -16.75
CA ASP A 93 -0.74 -1.89 -17.21
C ASP A 93 -0.63 -2.97 -16.14
N TYR A 94 -1.02 -2.66 -14.91
CA TYR A 94 -0.99 -3.60 -13.80
C TYR A 94 -2.39 -4.04 -13.38
N ALA A 95 -3.38 -3.89 -14.25
CA ALA A 95 -4.77 -4.15 -13.87
C ALA A 95 -4.98 -5.58 -13.39
N ASP A 96 -4.33 -6.56 -14.04
CA ASP A 96 -4.54 -7.95 -13.63
C ASP A 96 -3.98 -8.22 -12.24
N VAL A 97 -2.76 -7.72 -11.95
CA VAL A 97 -2.21 -7.83 -10.60
C VAL A 97 -3.15 -7.17 -9.60
N LEU A 98 -3.65 -5.99 -9.95
CA LEU A 98 -4.53 -5.26 -9.04
C LEU A 98 -5.80 -6.04 -8.75
N LEU A 99 -6.37 -6.70 -9.76
CA LEU A 99 -7.58 -7.48 -9.55
C LEU A 99 -7.32 -8.69 -8.64
N GLU A 100 -6.19 -9.39 -8.86
CA GLU A 100 -5.81 -10.49 -7.98
C GLU A 100 -5.69 -10.01 -6.53
N ARG A 101 -4.95 -8.90 -6.34
CA ARG A 101 -4.74 -8.32 -5.04
C ARG A 101 -6.05 -7.99 -4.35
N PHE A 102 -6.92 -7.28 -5.08
CA PHE A 102 -8.23 -6.87 -4.58
C PHE A 102 -9.06 -8.07 -4.14
N ASN A 103 -9.05 -9.13 -4.95
CA ASN A 103 -9.91 -10.28 -4.66
C ASN A 103 -9.31 -11.27 -3.68
N ASN A 104 -8.07 -11.06 -3.22
CA ASN A 104 -7.45 -11.99 -2.28
C ASN A 104 -7.27 -11.40 -0.88
N GLY A 105 -8.04 -10.39 -0.52
CA GLY A 105 -8.00 -9.90 0.84
C GLY A 105 -6.87 -8.95 1.15
N HIS A 106 -6.13 -8.50 0.15
CA HIS A 106 -5.08 -7.52 0.36
C HIS A 106 -5.67 -6.12 0.33
N PHE A 107 -5.03 -5.21 1.06
CA PHE A 107 -5.51 -3.84 1.22
C PHE A 107 -4.84 -2.94 0.18
N ILE A 108 -5.64 -2.29 -0.65
CA ILE A 108 -5.13 -1.38 -1.69
C ILE A 108 -5.54 0.04 -1.31
N ALA A 109 -4.56 0.94 -1.27
CA ALA A 109 -4.80 2.34 -0.90
C ALA A 109 -3.96 3.24 -1.79
N SER A 110 -4.25 4.53 -1.74
CA SER A 110 -3.60 5.45 -2.68
C SER A 110 -2.26 5.96 -2.14
N HIS A 111 -1.31 6.17 -3.06
CA HIS A 111 -0.02 6.81 -2.78
C HIS A 111 0.17 8.04 -3.67
N THR A 112 -0.93 8.60 -4.19
CA THR A 112 -1.04 9.66 -5.20
C THR A 112 -0.70 9.20 -6.62
N TRP A 113 -1.17 9.96 -7.60
CA TRP A 113 -0.95 9.58 -8.99
C TRP A 113 0.52 9.59 -9.35
N SER A 114 1.22 10.69 -9.11
N SER A 114 1.23 10.68 -9.11
CA SER A 114 2.57 10.92 -9.63
CA SER A 114 2.57 10.87 -9.63
C SER A 114 3.64 10.89 -8.56
C SER A 114 3.64 10.89 -8.55
N HIS A 115 3.31 10.49 -7.33
CA HIS A 115 4.28 10.41 -6.22
C HIS A 115 4.85 11.79 -5.89
N VAL A 116 3.96 12.76 -5.66
CA VAL A 116 4.36 14.15 -5.46
C VAL A 116 4.75 14.40 -4.00
N HIS A 117 5.53 15.46 -3.82
CA HIS A 117 5.78 16.07 -2.52
C HIS A 117 4.55 16.89 -2.17
N MET A 118 3.64 16.29 -1.39
CA MET A 118 2.31 16.87 -1.24
C MET A 118 2.31 18.19 -0.48
N ASN A 119 3.32 18.45 0.35
CA ASN A 119 3.37 19.74 1.04
C ASN A 119 3.68 20.89 0.10
N GLN A 120 4.05 20.61 -1.15
CA GLN A 120 4.35 21.62 -2.15
C GLN A 120 3.18 21.90 -3.07
N GLY A 121 2.06 21.19 -2.92
CA GLY A 121 0.95 21.29 -3.84
C GLY A 121 -0.15 22.21 -3.32
N THR A 122 -0.86 22.83 -4.26
CA THR A 122 -2.09 23.52 -3.91
C THR A 122 -3.17 22.51 -3.59
N TYR A 123 -4.22 22.98 -2.92
CA TYR A 123 -5.39 22.15 -2.66
C TYR A 123 -5.86 21.47 -3.94
N GLU A 124 -5.92 22.24 -5.03
CA GLU A 124 -6.49 21.72 -6.27
C GLU A 124 -5.59 20.67 -6.90
N GLN A 125 -4.28 20.90 -6.87
CA GLN A 125 -3.34 19.91 -7.40
C GLN A 125 -3.42 18.61 -6.61
N LEU A 126 -3.50 18.71 -5.28
CA LEU A 126 -3.59 17.51 -4.45
C LEU A 126 -4.89 16.75 -4.72
N SER A 127 -5.99 17.49 -4.88
CA SER A 127 -7.26 16.85 -5.19
C SER A 127 -7.17 16.05 -6.49
N HIS A 128 -6.54 16.66 -7.51
CA HIS A 128 -6.33 15.98 -8.78
C HIS A 128 -5.42 14.76 -8.62
N GLN A 129 -4.34 14.90 -7.84
CA GLN A 129 -3.42 13.78 -7.60
C GLN A 129 -4.11 12.61 -6.93
N LEU A 130 -5.12 12.87 -6.10
CA LEU A 130 -5.88 11.79 -5.49
C LEU A 130 -6.97 11.29 -6.44
N GLU A 131 -7.67 12.22 -7.09
CA GLU A 131 -8.75 11.85 -8.00
C GLU A 131 -8.30 10.88 -9.07
N LEU A 132 -7.10 11.09 -9.62
CA LEU A 132 -6.65 10.25 -10.73
C LEU A 132 -6.49 8.79 -10.30
N VAL A 133 -6.00 8.56 -9.09
CA VAL A 133 -5.89 7.18 -8.58
C VAL A 133 -7.27 6.61 -8.31
N GLU A 134 -8.16 7.42 -7.71
CA GLU A 134 -9.53 6.99 -7.51
C GLU A 134 -10.16 6.54 -8.82
N GLN A 135 -9.95 7.31 -9.89
CA GLN A 135 -10.58 6.98 -11.17
C GLN A 135 -10.05 5.68 -11.75
N ALA A 136 -8.74 5.44 -11.63
CA ALA A 136 -8.17 4.17 -12.09
C ALA A 136 -8.77 3.01 -11.32
N MET A 137 -8.89 3.15 -10.00
CA MET A 137 -9.47 2.07 -9.21
C MET A 137 -10.96 1.88 -9.54
N ILE A 138 -11.67 2.96 -9.87
CA ILE A 138 -13.07 2.82 -10.28
C ILE A 138 -13.15 2.03 -11.59
N ARG A 139 -12.31 2.38 -12.56
CA ARG A 139 -12.35 1.68 -13.85
C ARG A 139 -11.95 0.22 -13.70
N ILE A 140 -10.88 -0.06 -12.96
CA ILE A 140 -10.35 -1.42 -12.90
C ILE A 140 -11.13 -2.28 -11.92
N LEU A 141 -11.41 -1.74 -10.72
CA LEU A 141 -11.99 -2.49 -9.62
C LEU A 141 -13.44 -2.16 -9.33
N GLY A 142 -13.97 -1.06 -9.87
CA GLY A 142 -15.29 -0.61 -9.51
C GLY A 142 -15.40 0.15 -8.20
N VAL A 143 -14.28 0.42 -7.51
CA VAL A 143 -14.32 1.04 -6.19
C VAL A 143 -13.33 2.19 -6.11
N LYS A 144 -13.55 3.07 -5.08
CA LYS A 144 -12.64 4.13 -4.68
C LYS A 144 -11.93 3.74 -3.39
N PRO A 145 -10.66 4.11 -3.23
CA PRO A 145 -9.99 3.88 -1.94
C PRO A 145 -10.51 4.83 -0.87
N LEU A 146 -10.44 4.36 0.37
CA LEU A 146 -10.78 5.17 1.54
C LEU A 146 -9.55 5.59 2.32
N TYR A 147 -8.36 5.16 1.92
CA TYR A 147 -7.16 5.43 2.68
C TYR A 147 -6.01 5.83 1.76
N MET A 148 -4.98 6.45 2.33
CA MET A 148 -3.81 6.79 1.54
C MET A 148 -2.61 6.94 2.46
N ARG A 149 -1.43 6.85 1.86
CA ARG A 149 -0.17 7.15 2.51
C ARG A 149 0.55 8.20 1.68
N PRO A 150 1.03 9.28 2.28
CA PRO A 150 1.68 10.34 1.48
C PRO A 150 3.08 9.94 1.06
N PRO A 151 3.45 10.21 -0.19
CA PRO A 151 4.85 10.05 -0.58
C PRO A 151 5.77 10.77 0.39
N TYR A 152 6.91 10.15 0.68
CA TYR A 152 7.94 10.71 1.54
C TYR A 152 7.47 10.88 2.98
N GLY A 153 6.28 10.40 3.33
CA GLY A 153 5.74 10.64 4.64
C GLY A 153 5.40 12.09 4.90
N GLU A 154 5.22 12.87 3.85
CA GLU A 154 5.10 14.32 3.94
C GLU A 154 3.64 14.73 3.80
N TYR A 155 3.12 15.41 4.83
CA TYR A 155 1.76 15.90 4.78
C TYR A 155 1.65 17.13 5.66
N ASN A 156 0.56 17.87 5.47
CA ASN A 156 0.31 19.09 6.21
C ASN A 156 -1.21 19.26 6.35
N ASP A 157 -1.63 20.46 6.74
CA ASP A 157 -3.05 20.68 6.97
C ASP A 157 -3.85 20.70 5.66
N VAL A 158 -3.24 21.16 4.57
CA VAL A 158 -3.91 21.12 3.28
C VAL A 158 -4.17 19.68 2.87
N VAL A 159 -3.16 18.81 3.03
CA VAL A 159 -3.35 17.39 2.71
C VAL A 159 -4.50 16.82 3.52
N LEU A 160 -4.49 17.06 4.82
CA LEU A 160 -5.54 16.49 5.68
C LEU A 160 -6.91 17.04 5.30
N GLN A 161 -6.99 18.32 4.93
CA GLN A 161 -8.27 18.88 4.50
C GLN A 161 -8.76 18.27 3.19
N VAL A 162 -7.86 18.08 2.21
CA VAL A 162 -8.25 17.43 0.96
C VAL A 162 -8.75 16.03 1.23
N LEU A 163 -8.05 15.29 2.09
CA LEU A 163 -8.49 13.92 2.39
C LEU A 163 -9.88 13.93 3.02
N ARG A 164 -10.11 14.84 3.96
CA ARG A 164 -11.44 14.94 4.57
C ARG A 164 -12.50 15.24 3.52
N ASP A 165 -12.24 16.23 2.67
CA ASP A 165 -13.23 16.65 1.67
C ASP A 165 -13.51 15.55 0.66
N ARG A 166 -12.54 14.70 0.37
CA ARG A 166 -12.70 13.65 -0.61
C ARG A 166 -13.19 12.33 0.02
N GLY A 167 -13.52 12.34 1.30
CA GLY A 167 -14.12 11.19 1.94
C GLY A 167 -13.17 10.15 2.51
N TYR A 168 -11.87 10.45 2.59
CA TYR A 168 -10.92 9.47 3.10
C TYR A 168 -11.11 9.28 4.60
N LYS A 169 -10.87 8.05 5.04
CA LYS A 169 -11.03 7.70 6.44
C LYS A 169 -9.72 7.64 7.21
N GLY A 170 -8.59 7.78 6.54
CA GLY A 170 -7.34 7.73 7.27
C GLY A 170 -6.12 7.95 6.41
N LEU A 171 -5.09 8.54 7.02
CA LEU A 171 -3.77 8.68 6.42
C LEU A 171 -2.86 7.71 7.16
N ILE A 172 -2.20 6.81 6.41
CA ILE A 172 -1.45 5.71 7.01
C ILE A 172 0.04 5.97 6.87
N MET A 173 0.69 6.19 8.00
CA MET A 173 2.15 6.26 8.05
C MET A 173 2.71 4.88 8.40
N TRP A 174 3.77 4.82 9.21
CA TRP A 174 4.42 3.56 9.54
C TRP A 174 5.24 3.81 10.79
N ASN A 175 5.74 2.73 11.40
CA ASN A 175 6.59 2.91 12.58
C ASN A 175 7.89 2.11 12.53
N GLN A 176 8.16 1.37 11.46
CA GLN A 176 9.47 0.77 11.25
C GLN A 176 9.75 0.81 9.76
N ASP A 177 11.00 1.08 9.40
CA ASP A 177 11.43 1.19 8.01
C ASP A 177 12.37 0.04 7.72
N SER A 178 12.04 -0.78 6.72
CA SER A 178 12.94 -1.87 6.34
C SER A 178 14.29 -1.35 5.90
N GLY A 179 14.35 -0.12 5.42
CA GLY A 179 15.58 0.40 4.86
C GLY A 179 15.80 0.04 3.40
N ASP A 180 14.81 -0.57 2.74
CA ASP A 180 15.07 -1.04 1.38
C ASP A 180 15.21 0.10 0.37
N THR A 181 14.94 1.35 0.74
CA THR A 181 15.25 2.47 -0.15
C THR A 181 16.30 3.41 0.44
N PHE A 182 16.96 3.04 1.53
CA PHE A 182 18.09 3.82 2.01
C PHE A 182 19.19 3.80 0.95
N THR A 183 20.02 4.84 0.95
CA THR A 183 21.19 4.79 0.07
C THR A 183 22.42 5.34 0.81
N PRO A 184 23.51 4.56 0.91
CA PRO A 184 23.68 3.15 0.49
C PRO A 184 22.63 2.23 1.08
N THR A 185 22.33 1.15 0.39
CA THR A 185 21.24 0.27 0.75
C THR A 185 21.75 -0.89 1.59
N PRO A 186 21.11 -1.19 2.71
CA PRO A 186 21.50 -2.37 3.48
C PRO A 186 21.31 -3.63 2.67
N SER A 187 22.09 -4.66 2.99
CA SER A 187 21.91 -5.94 2.34
C SER A 187 20.60 -6.59 2.77
N SER A 188 20.12 -7.53 1.94
CA SER A 188 18.95 -8.30 2.33
C SER A 188 19.14 -8.95 3.69
N ALA A 189 20.35 -9.48 3.94
CA ALA A 189 20.62 -10.11 5.23
C ALA A 189 20.45 -9.12 6.38
N GLN A 190 20.90 -7.88 6.18
CA GLN A 190 20.74 -6.85 7.21
C GLN A 190 19.27 -6.51 7.43
N ILE A 191 18.51 -6.38 6.34
CA ILE A 191 17.09 -6.05 6.47
C ILE A 191 16.35 -7.19 7.17
N ILE A 192 16.63 -8.43 6.77
CA ILE A 192 16.01 -9.57 7.44
C ILE A 192 16.34 -9.56 8.93
N ASP A 193 17.58 -9.24 9.28
CA ASP A 193 17.94 -9.23 10.69
C ASP A 193 17.19 -8.13 11.46
N SER A 194 17.00 -6.97 10.82
CA SER A 194 16.20 -5.92 11.45
C SER A 194 14.79 -6.41 11.74
N TYR A 195 14.21 -7.18 10.81
CA TYR A 195 12.86 -7.70 11.01
C TYR A 195 12.78 -8.64 12.21
N ARG A 196 13.88 -9.28 12.58
CA ARG A 196 13.86 -10.19 13.73
C ARG A 196 13.61 -9.45 15.04
N SER A 197 13.77 -8.12 15.06
CA SER A 197 13.52 -7.37 16.28
C SER A 197 12.42 -6.34 16.17
N PHE A 198 11.75 -6.24 15.03
CA PHE A 198 10.56 -5.39 14.96
C PHE A 198 9.48 -6.00 15.87
N PRO A 199 8.89 -5.23 16.77
CA PRO A 199 7.95 -5.80 17.74
C PRO A 199 6.55 -5.96 17.17
N GLU A 200 5.69 -6.61 17.97
CA GLU A 200 4.27 -6.68 17.65
C GLU A 200 3.74 -5.28 17.40
N LYS A 201 2.74 -5.19 16.51
CA LYS A 201 1.97 -4.00 16.15
C LYS A 201 2.75 -3.11 15.20
N THR A 202 3.90 -3.58 14.70
CA THR A 202 4.66 -2.83 13.69
C THR A 202 3.84 -2.64 12.42
N ILE A 203 3.93 -1.43 11.88
CA ILE A 203 3.54 -1.17 10.49
C ILE A 203 4.86 -0.91 9.77
N SER A 204 5.29 -1.86 8.93
CA SER A 204 6.63 -1.81 8.35
C SER A 204 6.56 -1.23 6.95
N LEU A 205 7.49 -0.32 6.65
CA LEU A 205 7.59 0.25 5.31
C LEU A 205 8.52 -0.57 4.43
N ASN A 206 8.01 -1.01 3.29
CA ASN A 206 8.78 -1.66 2.23
C ASN A 206 8.35 -1.05 0.91
N HIS A 207 9.12 -1.34 -0.14
CA HIS A 207 8.84 -0.82 -1.48
C HIS A 207 8.87 -1.99 -2.47
N GLU A 208 7.74 -2.25 -3.13
CA GLU A 208 7.77 -3.44 -3.98
C GLU A 208 8.45 -3.18 -5.32
N ILE A 209 9.02 -1.98 -5.52
CA ILE A 209 9.88 -1.74 -6.67
C ILE A 209 11.31 -2.21 -6.45
N LYS A 210 11.62 -2.79 -5.29
CA LYS A 210 12.95 -3.33 -5.00
C LYS A 210 12.93 -4.85 -5.16
N ASP A 211 13.72 -5.35 -6.11
CA ASP A 211 13.68 -6.78 -6.40
C ASP A 211 14.06 -7.62 -5.19
N PHE A 212 15.05 -7.18 -4.40
CA PHE A 212 15.49 -7.99 -3.27
C PHE A 212 14.44 -8.00 -2.17
N THR A 213 13.62 -6.96 -2.06
CA THR A 213 12.53 -7.01 -1.08
C THR A 213 11.58 -8.16 -1.42
N VAL A 214 11.24 -8.31 -2.70
CA VAL A 214 10.29 -9.34 -3.13
C VAL A 214 10.93 -10.72 -3.07
N ASP A 215 12.18 -10.85 -3.54
CA ASP A 215 12.78 -12.15 -3.78
C ASP A 215 13.59 -12.68 -2.61
N GLN A 216 14.08 -11.81 -1.74
CA GLN A 216 14.92 -12.22 -0.61
C GLN A 216 14.29 -11.90 0.72
N VAL A 217 13.89 -10.64 0.95
CA VAL A 217 13.47 -10.22 2.29
C VAL A 217 12.14 -10.87 2.67
N ILE A 218 11.09 -10.65 1.88
CA ILE A 218 9.76 -11.11 2.27
C ILE A 218 9.69 -12.62 2.38
N PRO A 219 10.27 -13.42 1.49
CA PRO A 219 10.25 -14.87 1.72
C PRO A 219 10.95 -15.29 3.01
N ALA A 220 11.93 -14.53 3.47
CA ALA A 220 12.60 -14.88 4.71
C ALA A 220 11.83 -14.40 5.93
N VAL A 221 11.20 -13.23 5.83
CA VAL A 221 10.64 -12.66 7.05
C VAL A 221 9.22 -13.16 7.33
N ILE A 222 8.46 -13.60 6.31
CA ILE A 222 7.15 -14.18 6.60
C ILE A 222 7.26 -15.32 7.61
N PRO A 223 8.13 -16.34 7.43
CA PRO A 223 8.20 -17.38 8.46
C PRO A 223 8.74 -16.86 9.79
N ILE A 224 9.69 -15.92 9.78
CA ILE A 224 10.18 -15.36 11.04
C ILE A 224 9.03 -14.77 11.84
N LEU A 225 8.19 -13.99 11.17
CA LEU A 225 7.13 -13.28 11.88
C LEU A 225 5.99 -14.22 12.28
N GLN A 226 5.57 -15.09 11.35
CA GLN A 226 4.49 -16.03 11.70
C GLN A 226 4.91 -17.00 12.77
N GLN A 227 6.15 -17.50 12.72
CA GLN A 227 6.57 -18.53 13.66
C GLN A 227 6.75 -17.97 15.07
N LYS A 228 6.99 -16.67 15.23
CA LYS A 228 7.09 -16.09 16.56
C LYS A 228 5.75 -15.59 17.09
N GLY A 229 4.66 -15.87 16.39
CA GLY A 229 3.33 -15.60 16.91
C GLY A 229 2.63 -14.39 16.35
N PHE A 230 3.17 -13.74 15.32
CA PHE A 230 2.52 -12.57 14.76
C PHE A 230 1.57 -12.94 13.63
N SER A 231 0.47 -12.18 13.55
CA SER A 231 -0.54 -12.29 12.52
C SER A 231 -0.30 -11.23 11.47
N LEU A 232 -0.04 -11.66 10.22
CA LEU A 232 0.33 -10.75 9.14
C LEU A 232 -0.96 -10.21 8.51
N GLN A 233 -1.40 -9.07 9.02
CA GLN A 233 -2.69 -8.47 8.72
C GLN A 233 -2.53 -7.24 7.84
N THR A 234 -3.62 -6.86 7.17
CA THR A 234 -3.67 -5.53 6.57
C THR A 234 -3.71 -4.45 7.66
N VAL A 235 -3.40 -3.22 7.24
CA VAL A 235 -3.43 -2.10 8.20
C VAL A 235 -4.82 -1.91 8.79
N PRO A 236 -5.91 -1.84 8.01
CA PRO A 236 -7.22 -1.63 8.66
C PRO A 236 -7.55 -2.72 9.66
N GLU A 237 -7.27 -3.98 9.35
CA GLU A 237 -7.52 -5.02 10.36
C GLU A 237 -6.69 -4.80 11.60
N CYS A 238 -5.40 -4.47 11.42
CA CYS A 238 -4.52 -4.37 12.57
C CYS A 238 -4.80 -3.13 13.41
N LEU A 239 -5.53 -2.17 12.85
CA LEU A 239 -6.01 -1.01 13.59
C LEU A 239 -7.32 -1.26 14.29
N GLY A 240 -7.86 -2.47 14.23
CA GLY A 240 -9.16 -2.70 14.83
C GLY A 240 -10.29 -2.03 14.08
N LEU A 241 -10.01 -1.53 12.89
CA LEU A 241 -11.04 -1.15 11.94
C LEU A 241 -11.57 -2.48 11.39
N SER A 242 -12.21 -2.48 10.24
CA SER A 242 -12.84 -3.72 9.79
C SER A 242 -11.81 -4.70 9.23
N SER A 243 -12.08 -5.99 9.44
CA SER A 243 -11.37 -7.05 8.74
C SER A 243 -12.06 -7.45 7.44
N ASP A 244 -13.20 -6.86 7.11
CA ASP A 244 -13.91 -7.16 5.87
C ASP A 244 -13.37 -6.28 4.76
N PRO A 245 -12.74 -6.84 3.72
CA PRO A 245 -12.15 -6.00 2.67
C PRO A 245 -13.12 -5.01 2.06
N ALA A 246 -14.41 -5.34 1.99
CA ALA A 246 -15.37 -4.43 1.40
C ALA A 246 -15.47 -3.12 2.17
N ASP A 247 -15.07 -3.11 3.44
CA ASP A 247 -15.16 -1.91 4.24
C ASP A 247 -13.98 -0.97 4.01
N TRP A 248 -12.99 -1.37 3.21
CA TRP A 248 -11.83 -0.52 2.95
C TRP A 248 -12.01 0.34 1.73
N TYR A 249 -13.13 0.21 1.02
CA TYR A 249 -13.38 0.91 -0.23
C TYR A 249 -14.83 1.39 -0.26
N VAL A 250 -15.12 2.24 -1.22
CA VAL A 250 -16.49 2.64 -1.55
C VAL A 250 -16.79 2.15 -2.96
N ARG A 251 -17.83 1.33 -3.08
CA ARG A 251 -18.22 0.86 -4.40
C ARG A 251 -18.85 2.01 -5.19
N VAL A 252 -18.43 2.16 -6.44
CA VAL A 252 -18.95 3.20 -7.32
C VAL A 252 -19.81 2.59 -8.43
N GLN A 253 -19.30 1.56 -9.10
CA GLN A 253 -19.99 0.96 -10.23
C GLN A 253 -19.35 -0.41 -10.50
N GLU A 254 -19.86 -1.10 -11.52
CA GLU A 254 -19.26 -2.36 -11.89
C GLU A 254 -17.87 -2.11 -12.49
N PRO A 255 -16.93 -3.03 -12.27
CA PRO A 255 -15.62 -2.90 -12.92
C PRO A 255 -15.78 -2.77 -14.43
N GLY A 256 -14.94 -1.94 -15.03
CA GLY A 256 -14.97 -1.76 -16.46
C GLY A 256 -14.17 -2.80 -17.20
N THR A 257 -14.35 -2.82 -18.50
CA THR A 257 -13.49 -3.59 -19.39
C THR A 257 -12.46 -2.67 -20.00
N ARG A 258 -11.28 -3.22 -20.26
CA ARG A 258 -10.20 -2.41 -20.82
C ARG A 258 -10.64 -1.78 -22.14
N ASP A 259 -10.43 -0.47 -22.25
CA ASP A 259 -10.69 0.25 -23.48
C ASP A 259 -9.58 1.29 -23.64
N ASP A 260 -9.73 2.22 -24.57
CA ASP A 260 -8.64 3.15 -24.81
C ASP A 260 -8.47 4.18 -23.69
N SER A 261 -9.41 4.27 -22.75
CA SER A 261 -9.23 5.17 -21.61
C SER A 261 -8.28 4.60 -20.56
N TRP A 262 -7.96 3.30 -20.65
CA TRP A 262 -7.04 2.67 -19.72
C TRP A 262 -5.61 3.01 -20.15
N THR A 263 -5.22 4.25 -19.90
CA THR A 263 -3.92 4.76 -20.31
C THR A 263 -3.43 5.80 -19.30
N CYS A 264 -2.12 5.96 -19.23
CA CYS A 264 -1.54 7.04 -18.45
C CYS A 264 -1.01 8.17 -19.32
N GLU A 265 -1.18 8.09 -20.63
CA GLU A 265 -0.71 9.13 -21.54
C GLU A 265 -1.85 10.06 -21.94
C11 LMI B . 12.68 11.24 1.92
C12 LMI B . 13.26 10.61 0.63
C13 LMI B . 13.04 11.48 -0.62
C15 LMI B . 13.03 11.12 -3.20
C20 LMI B . 12.45 11.71 -6.12
C1 LMI B . 11.16 8.44 2.61
C2 LMI B . 11.08 8.64 1.24
C3 LMI B . 10.03 8.17 0.51
C4 LMI B . 9.03 7.50 1.17
C5 LMI B . 9.07 7.26 2.54
C6 LMI B . 10.15 7.75 3.27
C7 LMI B . 7.92 6.97 0.27
C9 LMI B . 12.38 9.04 3.30
C17 LMI B . 12.42 10.31 -5.53
C18 LMI B . 10.99 9.79 -5.57
C19 LMI B . 13.22 9.42 -6.48
N8 LMI B . 7.74 5.57 0.33
N10 LMI B . 12.31 10.48 3.11
N14 LMI B . 13.03 10.63 -1.82
O16 LMI B . 12.97 10.15 -4.23
O21 LMI B . 7.27 7.63 -0.50
O22 LMI B . 12.54 12.41 1.94
O23 LMI B . 13.10 12.29 -3.41
O24 LMI B . 6.79 5.04 -0.50
ZN ZN C . 6.69 6.22 -2.09
#